data_3SP4
#
_entry.id   3SP4
#
_cell.length_a   53.177
_cell.length_b   70.201
_cell.length_c   107.809
_cell.angle_alpha   90.00
_cell.angle_beta   90.00
_cell.angle_gamma   90.00
#
_symmetry.space_group_name_H-M   'P 21 21 21'
#
loop_
_entity.id
_entity.type
_entity.pdbx_description
1 polymer 'Aprataxin-like protein'
2 non-polymer 'ZINC ION'
3 non-polymer 'SULFATE ION'
4 water water
#
_entity_poly.entity_id   1
_entity_poly.type   'polypeptide(L)'
_entity_poly.pdbx_seq_one_letter_code
;GSHMSFRDNLKVYIESPESYKNVIYYDDDVVLVRDMFPKSKMHLLLMTRDPHLTHVHPLEIMMKHRSLVEKLVSYVQGDL
SGLIFDEARNCLSQQLTNEALCNYIKVGFHAGPSMNNLHLHIMTLDHVSPSLKNSAHYISFTSPFFVKIDTPTSNLPTRG
TLTSLFQEDLKCWRCGETFGRHFTKLKAHLQEEYDDWLDKSVSM
;
_entity_poly.pdbx_strand_id   A,B
#
loop_
_chem_comp.id
_chem_comp.type
_chem_comp.name
_chem_comp.formula
SO4 non-polymer 'SULFATE ION' 'O4 S -2'
ZN non-polymer 'ZINC ION' 'Zn 2'
#
# COMPACT_ATOMS: atom_id res chain seq x y z
N HIS A 3 -17.29 -5.19 32.41
CA HIS A 3 -17.20 -4.93 30.97
C HIS A 3 -18.59 -4.82 30.36
N MET A 4 -19.41 -3.95 30.92
CA MET A 4 -20.81 -3.83 30.49
C MET A 4 -21.07 -2.59 29.65
N SER A 5 -20.04 -1.79 29.41
CA SER A 5 -20.15 -0.67 28.50
C SER A 5 -20.52 -1.15 27.09
N PHE A 6 -21.20 -0.30 26.32
CA PHE A 6 -21.46 -0.64 24.93
C PHE A 6 -20.14 -0.80 24.20
N ARG A 7 -19.08 -0.22 24.76
CA ARG A 7 -17.74 -0.29 24.17
CA ARG A 7 -17.75 -0.30 24.15
C ARG A 7 -17.14 -1.69 24.28
N ASP A 8 -17.80 -2.55 25.04
CA ASP A 8 -17.37 -3.93 25.23
C ASP A 8 -18.13 -4.91 24.35
N ASN A 9 -18.95 -4.39 23.44
CA ASN A 9 -19.91 -5.21 22.71
C ASN A 9 -19.26 -6.24 21.77
N LEU A 10 -18.05 -5.97 21.31
CA LEU A 10 -17.33 -6.92 20.46
C LEU A 10 -16.92 -8.19 21.19
N LYS A 11 -16.91 -8.15 22.53
CA LYS A 11 -16.45 -9.29 23.31
C LYS A 11 -17.17 -10.58 22.98
N VAL A 12 -18.41 -10.48 22.49
CA VAL A 12 -19.18 -11.68 22.17
C VAL A 12 -18.58 -12.49 21.02
N TYR A 13 -17.97 -11.80 20.06
CA TYR A 13 -17.42 -12.48 18.89
C TYR A 13 -16.22 -13.35 19.24
N ILE A 14 -15.41 -12.92 20.20
CA ILE A 14 -14.24 -13.71 20.53
C ILE A 14 -14.56 -14.77 21.57
N GLU A 15 -15.66 -14.57 22.31
CA GLU A 15 -16.08 -15.58 23.28
C GLU A 15 -16.86 -16.72 22.62
N SER A 16 -17.84 -16.36 21.78
CA SER A 16 -18.70 -17.36 21.14
C SER A 16 -18.86 -17.12 19.65
N PRO A 17 -17.74 -17.16 18.90
CA PRO A 17 -17.81 -16.82 17.48
C PRO A 17 -18.76 -17.73 16.71
N GLU A 18 -19.01 -18.93 17.23
CA GLU A 18 -19.85 -19.88 16.53
C GLU A 18 -21.30 -19.41 16.50
N SER A 19 -21.61 -18.40 17.30
CA SER A 19 -23.00 -17.97 17.51
C SER A 19 -23.46 -16.88 16.54
N TYR A 20 -22.54 -16.31 15.78
CA TYR A 20 -22.86 -15.14 14.99
C TYR A 20 -22.64 -15.31 13.49
N LYS A 21 -23.69 -15.03 12.71
CA LYS A 21 -23.62 -15.15 11.26
CA LYS A 21 -23.61 -15.17 11.27
C LYS A 21 -22.62 -14.15 10.70
N ASN A 22 -22.39 -13.09 11.47
CA ASN A 22 -21.45 -12.04 11.10
CA ASN A 22 -21.44 -12.05 11.09
C ASN A 22 -20.01 -12.55 11.03
N VAL A 23 -19.73 -13.64 11.73
CA VAL A 23 -18.38 -14.22 11.75
C VAL A 23 -18.15 -15.12 10.56
N ILE A 24 -17.08 -14.87 9.80
CA ILE A 24 -16.85 -15.61 8.57
C ILE A 24 -15.63 -16.53 8.68
N TYR A 25 -14.86 -16.34 9.75
CA TYR A 25 -13.78 -17.28 10.09
C TYR A 25 -13.41 -17.15 11.56
N TYR A 26 -13.16 -18.29 12.21
CA TYR A 26 -12.55 -18.24 13.51
C TYR A 26 -11.72 -19.48 13.74
N ASP A 27 -10.75 -19.37 14.65
CA ASP A 27 -10.08 -20.53 15.19
C ASP A 27 -9.73 -20.20 16.63
N ASP A 28 -8.81 -20.93 17.23
CA ASP A 28 -8.48 -20.69 18.62
C ASP A 28 -7.83 -19.32 18.85
N ASP A 29 -7.26 -18.75 17.79
CA ASP A 29 -6.45 -17.54 17.94
C ASP A 29 -7.15 -16.26 17.50
N VAL A 30 -7.94 -16.32 16.44
CA VAL A 30 -8.52 -15.09 15.90
C VAL A 30 -9.96 -15.27 15.43
N VAL A 31 -10.65 -14.16 15.22
CA VAL A 31 -11.99 -14.19 14.67
C VAL A 31 -12.11 -13.09 13.62
N LEU A 32 -12.56 -13.45 12.42
CA LEU A 32 -12.79 -12.47 11.36
C LEU A 32 -14.29 -12.25 11.28
N VAL A 33 -14.71 -11.01 11.48
CA VAL A 33 -16.13 -10.70 11.57
C VAL A 33 -16.47 -9.45 10.76
N ARG A 34 -17.67 -9.43 10.18
CA ARG A 34 -18.14 -8.27 9.45
C ARG A 34 -18.53 -7.19 10.46
N ASP A 35 -18.13 -5.96 10.19
CA ASP A 35 -18.50 -4.84 11.06
C ASP A 35 -20.00 -4.65 10.86
N MET A 36 -20.73 -4.39 11.95
CA MET A 36 -22.17 -4.24 11.80
CA MET A 36 -22.18 -4.20 11.87
C MET A 36 -22.57 -2.85 11.29
N PHE A 37 -21.64 -1.90 11.34
CA PHE A 37 -21.87 -0.59 10.75
C PHE A 37 -20.73 -0.27 9.77
N PRO A 38 -20.68 -0.98 8.64
CA PRO A 38 -19.55 -0.93 7.71
C PRO A 38 -19.29 0.48 7.17
N LYS A 39 -18.04 0.92 7.24
CA LYS A 39 -17.68 2.27 6.84
C LYS A 39 -17.09 2.30 5.42
N SER A 40 -17.15 1.15 4.75
CA SER A 40 -16.85 1.01 3.34
C SER A 40 -17.71 -0.15 2.82
N LYS A 41 -17.73 -0.36 1.51
CA LYS A 41 -18.51 -1.47 0.95
C LYS A 41 -18.15 -2.81 1.60
N MET A 42 -16.87 -3.06 1.78
CA MET A 42 -16.44 -4.18 2.58
C MET A 42 -15.74 -3.64 3.82
N HIS A 43 -16.18 -4.10 4.99
CA HIS A 43 -15.55 -3.69 6.23
C HIS A 43 -15.52 -4.82 7.24
N LEU A 44 -14.35 -5.43 7.41
CA LEU A 44 -14.17 -6.57 8.30
C LEU A 44 -13.29 -6.19 9.49
N LEU A 45 -13.44 -6.96 10.57
CA LEU A 45 -12.59 -6.83 11.74
C LEU A 45 -11.90 -8.17 12.05
N LEU A 46 -10.59 -8.11 12.23
CA LEU A 46 -9.85 -9.27 12.69
C LEU A 46 -9.52 -9.07 14.16
N MET A 47 -10.03 -9.96 15.00
CA MET A 47 -9.88 -9.84 16.45
C MET A 47 -9.08 -11.00 17.05
N THR A 48 -8.09 -10.66 17.87
CA THR A 48 -7.42 -11.67 18.70
C THR A 48 -8.37 -12.16 19.78
N ARG A 49 -8.32 -13.46 20.08
CA ARG A 49 -9.14 -14.04 21.14
C ARG A 49 -8.35 -14.15 22.44
N ASP A 50 -7.10 -13.72 22.42
CA ASP A 50 -6.26 -13.75 23.62
C ASP A 50 -6.73 -12.76 24.70
N PRO A 51 -7.15 -13.29 25.85
CA PRO A 51 -7.68 -12.47 26.94
C PRO A 51 -6.67 -11.48 27.48
N HIS A 52 -5.39 -11.76 27.31
CA HIS A 52 -4.35 -10.85 27.79
C HIS A 52 -3.90 -9.84 26.73
N LEU A 53 -4.42 -9.96 25.52
CA LEU A 53 -4.09 -9.02 24.47
C LEU A 53 -5.28 -8.18 24.01
N THR A 54 -6.49 -8.71 24.17
CA THR A 54 -7.67 -8.06 23.60
C THR A 54 -7.90 -6.68 24.21
N HIS A 55 -7.50 -6.50 25.45
CA HIS A 55 -7.72 -5.22 26.10
C HIS A 55 -6.49 -4.32 26.09
N VAL A 56 -5.40 -4.77 25.45
CA VAL A 56 -4.24 -3.91 25.26
C VAL A 56 -4.48 -2.87 24.17
N HIS A 57 -4.07 -1.62 24.42
CA HIS A 57 -4.28 -0.55 23.44
C HIS A 57 -3.51 -0.83 22.14
N PRO A 58 -4.12 -0.53 20.97
CA PRO A 58 -3.46 -0.86 19.71
C PRO A 58 -2.09 -0.20 19.56
N LEU A 59 -1.87 0.97 20.15
CA LEU A 59 -0.56 1.59 20.03
C LEU A 59 0.49 0.81 20.81
N GLU A 60 0.07 0.22 21.93
CA GLU A 60 0.95 -0.58 22.75
C GLU A 60 1.19 -1.94 22.10
N ILE A 61 0.17 -2.45 21.41
CA ILE A 61 0.34 -3.64 20.56
C ILE A 61 1.41 -3.40 19.49
N MET A 62 1.32 -2.29 18.76
CA MET A 62 2.27 -2.02 17.68
C MET A 62 3.70 -1.87 18.22
N MET A 63 3.83 -1.31 19.42
CA MET A 63 5.15 -1.03 19.98
C MET A 63 5.77 -2.23 20.66
N LYS A 64 4.95 -2.98 21.40
CA LYS A 64 5.48 -4.00 22.33
C LYS A 64 4.99 -5.42 22.08
N HIS A 65 4.12 -5.61 21.09
CA HIS A 65 3.59 -6.96 20.83
C HIS A 65 3.71 -7.37 19.36
N ARG A 66 4.93 -7.29 18.84
CA ARG A 66 5.18 -7.60 17.43
C ARG A 66 4.78 -9.04 17.06
N SER A 67 4.89 -9.96 18.02
CA SER A 67 4.46 -11.33 17.76
C SER A 67 3.03 -11.33 17.25
N LEU A 68 2.17 -10.58 17.93
CA LEU A 68 0.77 -10.51 17.56
C LEU A 68 0.59 -9.79 16.23
N VAL A 69 1.26 -8.65 16.05
CA VAL A 69 1.24 -7.97 14.75
C VAL A 69 1.57 -8.93 13.60
N GLU A 70 2.67 -9.66 13.74
CA GLU A 70 3.06 -10.58 12.69
C GLU A 70 2.03 -11.69 12.48
N LYS A 71 1.42 -12.17 13.56
CA LYS A 71 0.39 -13.20 13.39
C LYS A 71 -0.80 -12.66 12.62
N LEU A 72 -1.26 -11.45 12.99
CA LEU A 72 -2.39 -10.85 12.30
C LEU A 72 -2.11 -10.66 10.81
N VAL A 73 -0.92 -10.17 10.49
CA VAL A 73 -0.52 -9.97 9.11
C VAL A 73 -0.52 -11.32 8.38
N SER A 74 -0.03 -12.37 9.03
CA SER A 74 0.02 -13.68 8.39
C SER A 74 -1.38 -14.18 8.03
N TYR A 75 -2.37 -13.83 8.85
CA TYR A 75 -3.73 -14.22 8.54
C TYR A 75 -4.26 -13.41 7.36
N VAL A 76 -4.05 -12.11 7.42
CA VAL A 76 -4.60 -11.23 6.38
C VAL A 76 -3.99 -11.51 5.02
N GLN A 77 -2.67 -11.66 4.99
CA GLN A 77 -1.99 -11.78 3.72
C GLN A 77 -1.81 -13.23 3.26
N GLY A 78 -2.03 -14.18 4.17
CA GLY A 78 -1.87 -15.59 3.86
C GLY A 78 -3.16 -16.38 4.00
N ASP A 79 -3.35 -16.98 5.17
CA ASP A 79 -4.52 -17.82 5.44
C ASP A 79 -5.84 -17.29 4.90
N LEU A 80 -6.17 -16.06 5.24
CA LEU A 80 -7.52 -15.54 4.97
C LEU A 80 -7.62 -14.68 3.72
N SER A 81 -6.51 -14.53 3.00
CA SER A 81 -6.48 -13.67 1.83
CA SER A 81 -6.47 -13.69 1.81
C SER A 81 -7.60 -14.02 0.84
N GLY A 82 -7.72 -15.30 0.51
CA GLY A 82 -8.74 -15.76 -0.43
C GLY A 82 -10.15 -15.47 0.07
N LEU A 83 -10.33 -15.67 1.37
CA LEU A 83 -11.61 -15.41 2.02
C LEU A 83 -11.97 -13.93 1.91
N ILE A 84 -10.99 -13.08 2.17
CA ILE A 84 -11.20 -11.64 2.15
C ILE A 84 -11.48 -11.14 0.73
N PHE A 85 -10.77 -11.66 -0.26
CA PHE A 85 -11.04 -11.30 -1.64
C PHE A 85 -12.44 -11.74 -2.10
N ASP A 86 -12.85 -12.93 -1.68
CA ASP A 86 -14.19 -13.42 -2.02
C ASP A 86 -15.25 -12.54 -1.40
N GLU A 87 -15.04 -12.15 -0.15
CA GLU A 87 -15.94 -11.20 0.52
C GLU A 87 -16.02 -9.87 -0.25
N ALA A 88 -14.86 -9.36 -0.66
CA ALA A 88 -14.82 -8.14 -1.46
C ALA A 88 -15.61 -8.27 -2.77
N ARG A 89 -15.50 -9.42 -3.42
CA ARG A 89 -16.25 -9.65 -4.66
C ARG A 89 -17.75 -9.65 -4.39
N ASN A 90 -18.14 -10.20 -3.25
CA ASN A 90 -19.55 -10.21 -2.86
C ASN A 90 -20.07 -8.81 -2.57
N CYS A 91 -19.19 -7.95 -2.06
CA CYS A 91 -19.59 -6.60 -1.66
C CYS A 91 -19.48 -5.62 -2.82
N LEU A 92 -18.57 -5.89 -3.75
CA LEU A 92 -18.31 -4.98 -4.87
C LEU A 92 -18.82 -5.57 -6.19
N SER A 93 -18.00 -6.39 -6.83
CA SER A 93 -18.40 -7.06 -8.07
C SER A 93 -17.65 -8.37 -8.23
N GLN A 94 -18.35 -9.40 -8.70
CA GLN A 94 -17.72 -10.70 -8.95
C GLN A 94 -16.70 -10.67 -10.08
N GLN A 95 -16.71 -9.59 -10.86
CA GLN A 95 -15.79 -9.44 -11.99
C GLN A 95 -14.39 -9.03 -11.56
N LEU A 96 -14.22 -8.70 -10.29
CA LEU A 96 -12.93 -8.18 -9.82
C LEU A 96 -11.94 -9.29 -9.48
N THR A 97 -10.69 -9.10 -9.89
CA THR A 97 -9.63 -10.06 -9.61
C THR A 97 -8.98 -9.77 -8.27
N ASN A 98 -8.32 -10.77 -7.70
CA ASN A 98 -7.53 -10.53 -6.49
C ASN A 98 -6.52 -9.43 -6.82
N GLU A 99 -6.01 -9.49 -8.05
CA GLU A 99 -5.06 -8.52 -8.56
C GLU A 99 -5.53 -7.08 -8.34
N ALA A 100 -6.78 -6.79 -8.72
CA ALA A 100 -7.31 -5.43 -8.61
C ALA A 100 -7.69 -5.07 -7.17
N LEU A 101 -8.23 -6.05 -6.45
CA LEU A 101 -8.65 -5.84 -5.08
C LEU A 101 -7.48 -5.56 -4.15
N CYS A 102 -6.34 -6.18 -4.41
CA CYS A 102 -5.21 -6.04 -3.51
C CYS A 102 -4.87 -4.58 -3.27
N ASN A 103 -4.94 -3.78 -4.32
CA ASN A 103 -4.64 -2.36 -4.20
C ASN A 103 -5.84 -1.53 -3.79
N TYR A 104 -6.94 -2.20 -3.48
CA TYR A 104 -8.14 -1.48 -3.08
C TYR A 104 -8.58 -1.84 -1.67
N ILE A 105 -7.64 -2.33 -0.86
CA ILE A 105 -7.93 -2.70 0.52
C ILE A 105 -6.89 -2.09 1.46
N LYS A 106 -7.33 -1.62 2.63
CA LYS A 106 -6.42 -1.13 3.66
C LYS A 106 -6.65 -1.85 4.99
N VAL A 107 -5.59 -1.92 5.79
CA VAL A 107 -5.56 -2.74 7.00
C VAL A 107 -4.86 -1.97 8.10
N GLY A 108 -5.51 -1.82 9.25
CA GLY A 108 -4.93 -1.03 10.31
C GLY A 108 -5.80 -0.85 11.53
N PHE A 109 -5.25 -0.25 12.58
CA PHE A 109 -5.98 0.01 13.83
C PHE A 109 -6.36 1.49 13.94
N HIS A 110 -7.40 1.78 14.73
CA HIS A 110 -7.62 3.17 15.13
C HIS A 110 -6.64 3.52 16.26
N ALA A 111 -6.13 4.74 16.25
CA ALA A 111 -5.23 5.21 17.31
C ALA A 111 -5.98 5.43 18.61
N GLY A 112 -7.29 5.62 18.49
CA GLY A 112 -8.16 5.81 19.65
C GLY A 112 -9.46 5.06 19.46
N PRO A 113 -9.38 3.74 19.37
CA PRO A 113 -10.56 2.90 19.13
C PRO A 113 -11.76 3.26 19.98
N SER A 114 -12.93 2.95 19.50
CA SER A 114 -14.12 3.18 20.26
C SER A 114 -14.68 1.91 20.88
N MET A 115 -14.17 0.78 20.49
CA MET A 115 -14.50 -0.49 21.14
C MET A 115 -13.29 -0.97 21.91
N ASN A 116 -13.52 -1.58 23.06
CA ASN A 116 -12.45 -1.96 23.98
C ASN A 116 -11.67 -3.22 23.61
N ASN A 117 -12.27 -4.10 22.81
CA ASN A 117 -11.58 -5.33 22.40
C ASN A 117 -10.82 -5.08 21.11
N LEU A 118 -9.53 -5.43 21.12
CA LEU A 118 -8.63 -5.14 20.01
C LEU A 118 -9.21 -5.63 18.68
N HIS A 119 -9.29 -4.73 17.70
CA HIS A 119 -9.83 -5.09 16.39
C HIS A 119 -9.05 -4.43 15.26
N LEU A 120 -8.58 -5.26 14.33
CA LEU A 120 -7.87 -4.79 13.14
C LEU A 120 -8.85 -4.59 12.01
N HIS A 121 -8.97 -3.37 11.51
CA HIS A 121 -9.81 -3.10 10.36
C HIS A 121 -9.25 -3.60 9.05
N ILE A 122 -10.07 -4.32 8.30
CA ILE A 122 -9.73 -4.76 6.95
C ILE A 122 -10.86 -4.30 6.03
N MET A 123 -10.58 -3.37 5.12
CA MET A 123 -11.66 -2.69 4.41
C MET A 123 -11.25 -2.17 3.04
N THR A 124 -12.24 -2.02 2.16
CA THR A 124 -11.98 -1.44 0.86
C THR A 124 -11.84 0.08 0.99
N LEU A 125 -11.28 0.71 -0.03
CA LEU A 125 -10.88 2.10 0.08
C LEU A 125 -12.04 3.06 -0.15
N ASP A 126 -13.10 2.57 -0.77
CA ASP A 126 -14.18 3.43 -1.28
C ASP A 126 -14.82 4.38 -0.26
N HIS A 127 -15.07 3.89 0.95
CA HIS A 127 -15.83 4.63 1.95
C HIS A 127 -17.21 5.06 1.41
N VAL A 128 -17.77 4.23 0.55
CA VAL A 128 -19.13 4.40 0.08
C VAL A 128 -20.01 3.46 0.89
N SER A 129 -20.67 4.00 1.90
CA SER A 129 -21.54 3.21 2.75
C SER A 129 -22.51 4.07 3.55
N PRO A 130 -23.76 3.60 3.69
CA PRO A 130 -24.77 4.31 4.48
C PRO A 130 -24.31 4.56 5.90
N SER A 131 -23.51 3.65 6.47
CA SER A 131 -23.12 3.76 7.87
C SER A 131 -22.01 4.77 8.11
N LEU A 132 -21.43 5.29 7.04
CA LEU A 132 -20.49 6.41 7.14
C LEU A 132 -21.32 7.68 7.18
N LYS A 133 -21.45 8.29 8.36
CA LYS A 133 -22.46 9.31 8.55
C LYS A 133 -21.92 10.67 9.00
N ASN A 134 -20.67 10.69 9.42
CA ASN A 134 -20.09 11.97 9.85
C ASN A 134 -18.60 12.09 9.54
N SER A 135 -18.09 13.31 9.68
CA SER A 135 -16.71 13.61 9.37
C SER A 135 -15.78 12.75 10.21
N ALA A 136 -16.13 12.56 11.49
CA ALA A 136 -15.30 11.78 12.40
C ALA A 136 -15.08 10.36 11.88
N HIS A 137 -16.16 9.73 11.41
CA HIS A 137 -16.07 8.41 10.78
C HIS A 137 -15.04 8.43 9.67
N TYR A 138 -15.26 9.30 8.69
CA TYR A 138 -14.39 9.36 7.52
C TYR A 138 -12.95 9.61 7.90
N ILE A 139 -12.74 10.67 8.68
CA ILE A 139 -11.40 11.06 9.10
C ILE A 139 -10.66 9.94 9.85
N SER A 140 -11.39 9.19 10.66
CA SER A 140 -10.77 8.14 11.49
C SER A 140 -10.14 7.03 10.65
N PHE A 141 -10.47 6.99 9.36
CA PHE A 141 -9.93 5.97 8.48
C PHE A 141 -8.98 6.49 7.40
N THR A 142 -8.86 7.80 7.27
CA THR A 142 -8.13 8.37 6.14
C THR A 142 -7.03 9.32 6.60
N SER A 143 -6.69 9.28 7.87
CA SER A 143 -5.67 10.15 8.43
C SER A 143 -4.74 9.30 9.25
N PRO A 144 -3.72 9.91 9.89
CA PRO A 144 -2.82 9.12 10.73
C PRO A 144 -3.52 8.46 11.91
N PHE A 145 -4.80 8.78 12.13
CA PHE A 145 -5.58 8.16 13.19
C PHE A 145 -5.78 6.69 12.83
N PHE A 146 -5.77 6.42 11.53
CA PHE A 146 -5.74 5.04 11.03
C PHE A 146 -4.30 4.57 10.94
N VAL A 147 -3.92 3.69 11.85
CA VAL A 147 -2.54 3.24 11.94
C VAL A 147 -2.40 1.98 11.11
N LYS A 148 -1.85 2.15 9.91
CA LYS A 148 -1.65 1.04 8.99
C LYS A 148 -0.81 -0.04 9.64
N ILE A 149 -1.13 -1.30 9.35
CA ILE A 149 -0.50 -2.39 10.08
C ILE A 149 1.00 -2.48 9.76
N ASP A 150 1.44 -1.85 8.67
CA ASP A 150 2.86 -1.84 8.32
C ASP A 150 3.63 -0.61 8.82
N THR A 151 2.99 0.21 9.65
CA THR A 151 3.62 1.40 10.20
C THR A 151 4.81 1.05 11.10
N PRO A 152 6.00 1.58 10.80
CA PRO A 152 7.13 1.35 11.70
C PRO A 152 6.87 2.05 13.02
N THR A 153 7.38 1.47 14.12
CA THR A 153 7.11 1.99 15.45
C THR A 153 7.48 3.46 15.59
N SER A 154 8.59 3.85 14.96
CA SER A 154 9.06 5.23 15.02
C SER A 154 8.06 6.20 14.39
N ASN A 155 7.16 5.69 13.55
CA ASN A 155 6.21 6.56 12.88
C ASN A 155 4.81 6.52 13.45
N LEU A 156 4.65 5.87 14.60
CA LEU A 156 3.35 5.86 15.27
C LEU A 156 2.95 7.29 15.65
N PRO A 157 1.64 7.61 15.55
CA PRO A 157 1.15 8.94 15.89
C PRO A 157 1.33 9.23 17.37
N THR A 158 1.45 10.50 17.74
CA THR A 158 1.49 10.88 19.15
C THR A 158 0.07 11.02 19.67
N ARG A 159 -0.24 10.34 20.79
CA ARG A 159 -1.59 10.37 21.35
C ARG A 159 -2.12 11.79 21.58
N GLY A 160 -1.31 12.64 22.21
CA GLY A 160 -1.71 13.99 22.52
C GLY A 160 -2.26 14.76 21.33
N THR A 161 -1.61 14.60 20.18
CA THR A 161 -1.91 15.43 19.00
C THR A 161 -3.10 14.90 18.18
N LEU A 162 -3.78 13.88 18.68
CA LEU A 162 -4.80 13.16 17.91
C LEU A 162 -6.10 13.93 17.68
N THR A 163 -6.45 14.81 18.62
CA THR A 163 -7.71 15.55 18.54
C THR A 163 -7.82 16.49 17.34
N SER A 164 -6.67 17.05 16.94
CA SER A 164 -6.64 18.09 15.91
C SER A 164 -7.00 17.63 14.50
N LEU A 165 -6.93 16.32 14.27
CA LEU A 165 -7.21 15.78 12.95
C LEU A 165 -8.65 15.96 12.55
N PHE A 166 -9.55 15.93 13.52
CA PHE A 166 -10.99 15.88 13.25
C PHE A 166 -11.61 17.24 12.96
N GLN A 167 -10.77 18.28 13.00
CA GLN A 167 -11.22 19.66 12.82
C GLN A 167 -10.98 20.19 11.42
N GLU A 168 -10.26 19.42 10.60
CA GLU A 168 -9.83 19.90 9.30
C GLU A 168 -10.87 19.65 8.21
N ASP A 169 -10.84 20.48 7.17
CA ASP A 169 -11.72 20.30 6.03
C ASP A 169 -11.66 18.86 5.53
N LEU A 170 -12.78 18.39 5.00
CA LEU A 170 -12.83 17.07 4.39
C LEU A 170 -12.07 17.08 3.07
N LYS A 171 -11.32 16.01 2.81
CA LYS A 171 -10.70 15.90 1.49
C LYS A 171 -10.77 14.48 0.98
N CYS A 172 -10.88 14.34 -0.33
CA CYS A 172 -11.00 13.03 -0.94
C CYS A 172 -9.65 12.34 -0.80
N TRP A 173 -9.69 11.09 -0.38
CA TRP A 173 -8.48 10.32 -0.16
C TRP A 173 -7.84 9.97 -1.49
N ARG A 174 -8.67 9.88 -2.53
CA ARG A 174 -8.20 9.43 -3.84
C ARG A 174 -7.56 10.56 -4.63
N CYS A 175 -8.17 11.74 -4.60
CA CYS A 175 -7.76 12.82 -5.48
C CYS A 175 -7.43 14.14 -4.77
N GLY A 176 -7.70 14.20 -3.47
CA GLY A 176 -7.32 15.38 -2.68
C GLY A 176 -8.23 16.60 -2.76
N GLU A 177 -9.28 16.54 -3.56
CA GLU A 177 -10.26 17.61 -3.59
C GLU A 177 -10.86 17.82 -2.19
N THR A 178 -11.03 19.07 -1.79
CA THR A 178 -11.57 19.37 -0.46
C THR A 178 -13.03 19.83 -0.50
N PHE A 179 -13.73 19.62 0.61
CA PHE A 179 -15.18 19.88 0.66
C PHE A 179 -15.60 20.63 1.92
N GLY A 180 -14.65 21.28 2.58
CA GLY A 180 -14.95 22.01 3.81
C GLY A 180 -15.53 21.12 4.89
N ARG A 181 -16.72 21.49 5.37
CA ARG A 181 -17.46 20.66 6.32
C ARG A 181 -18.72 20.10 5.70
N HIS A 182 -18.80 20.17 4.37
CA HIS A 182 -19.98 19.67 3.67
C HIS A 182 -19.90 18.16 3.50
N PHE A 183 -20.17 17.46 4.58
CA PHE A 183 -20.05 16.02 4.58
C PHE A 183 -20.91 15.45 3.46
N THR A 184 -22.06 16.05 3.22
CA THR A 184 -22.94 15.58 2.17
C THR A 184 -22.31 15.65 0.78
N LYS A 185 -21.59 16.74 0.49
CA LYS A 185 -20.92 16.84 -0.79
C LYS A 185 -19.79 15.80 -0.90
N LEU A 186 -19.07 15.60 0.20
CA LEU A 186 -18.01 14.58 0.23
C LEU A 186 -18.58 13.22 -0.12
N LYS A 187 -19.72 12.87 0.46
CA LYS A 187 -20.34 11.58 0.20
C LYS A 187 -20.72 11.37 -1.26
N ALA A 188 -21.25 12.40 -1.90
CA ALA A 188 -21.60 12.29 -3.31
C ALA A 188 -20.37 12.05 -4.17
N HIS A 189 -19.28 12.72 -3.81
CA HIS A 189 -18.03 12.59 -4.55
C HIS A 189 -17.40 11.21 -4.38
N LEU A 190 -17.45 10.67 -3.17
CA LEU A 190 -16.91 9.34 -2.92
C LEU A 190 -17.65 8.33 -3.77
N GLN A 191 -18.94 8.55 -4.00
CA GLN A 191 -19.71 7.67 -4.86
C GLN A 191 -19.21 7.77 -6.30
N GLU A 192 -18.88 8.99 -6.72
CA GLU A 192 -18.37 9.21 -8.07
C GLU A 192 -17.02 8.53 -8.26
N GLU A 193 -16.17 8.65 -7.24
CA GLU A 193 -14.86 8.00 -7.26
C GLU A 193 -14.94 6.47 -7.30
N TYR A 194 -15.91 5.91 -6.59
CA TYR A 194 -16.04 4.45 -6.60
C TYR A 194 -16.46 3.94 -7.98
N ASP A 195 -17.41 4.61 -8.61
CA ASP A 195 -17.90 4.17 -9.91
C ASP A 195 -16.77 4.22 -10.93
N ASP A 196 -15.93 5.24 -10.81
CA ASP A 196 -14.79 5.41 -11.70
C ASP A 196 -13.80 4.26 -11.54
N TRP A 197 -13.45 3.97 -10.28
CA TRP A 197 -12.53 2.88 -10.01
C TRP A 197 -13.10 1.56 -10.50
N LEU A 198 -14.40 1.37 -10.26
CA LEU A 198 -15.06 0.12 -10.63
C LEU A 198 -15.06 -0.05 -12.14
N ASP A 199 -15.36 1.02 -12.86
CA ASP A 199 -15.41 1.01 -14.32
C ASP A 199 -14.06 0.61 -14.91
N LYS A 200 -13.00 1.24 -14.42
CA LYS A 200 -11.65 0.94 -14.89
C LYS A 200 -11.22 -0.48 -14.54
N SER A 201 -11.70 -1.00 -13.41
CA SER A 201 -11.12 -2.22 -12.85
C SER A 201 -11.76 -3.55 -13.31
N VAL A 202 -13.01 -3.51 -13.75
CA VAL A 202 -13.70 -4.76 -14.10
C VAL A 202 -13.20 -5.44 -15.40
N SER A 203 -12.56 -4.66 -16.27
CA SER A 203 -12.00 -5.22 -17.51
C SER A 203 -10.63 -5.85 -17.27
N MET A 204 -9.99 -5.49 -16.16
CA MET A 204 -8.64 -5.94 -15.88
C MET A 204 -8.60 -7.43 -15.53
N GLY B 1 28.40 8.38 -5.22
CA GLY B 1 27.85 8.85 -3.96
C GLY B 1 26.45 9.41 -4.09
N SER B 2 26.09 9.83 -5.30
CA SER B 2 24.78 10.44 -5.51
C SER B 2 23.78 9.44 -6.10
N HIS B 3 22.53 9.88 -6.27
CA HIS B 3 21.51 9.00 -6.85
C HIS B 3 21.55 9.06 -8.37
N MET B 4 22.37 9.95 -8.92
CA MET B 4 22.50 10.09 -10.37
C MET B 4 23.54 9.13 -10.93
N SER B 5 24.14 8.34 -10.05
CA SER B 5 25.08 7.32 -10.48
C SER B 5 24.34 6.04 -10.88
N PHE B 6 25.03 5.19 -11.64
CA PHE B 6 24.47 3.90 -12.05
C PHE B 6 23.11 4.03 -12.71
N ARG B 7 23.07 4.84 -13.76
CA ARG B 7 21.87 5.01 -14.56
C ARG B 7 22.11 4.46 -15.94
N ASP B 8 21.11 4.57 -16.82
CA ASP B 8 21.15 3.92 -18.11
C ASP B 8 20.67 4.87 -19.20
N ASN B 9 21.12 4.65 -20.43
CA ASN B 9 20.60 5.38 -21.59
C ASN B 9 19.26 4.79 -22.01
N LEU B 10 18.16 5.42 -21.63
CA LEU B 10 16.85 4.82 -21.82
C LEU B 10 16.22 5.00 -23.20
N LYS B 11 16.71 5.95 -23.99
CA LYS B 11 16.01 6.27 -25.23
C LYS B 11 15.97 5.07 -26.19
N VAL B 12 17.00 4.24 -26.13
CA VAL B 12 17.08 3.09 -27.00
C VAL B 12 15.91 2.13 -26.81
N TYR B 13 15.39 2.05 -25.58
CA TYR B 13 14.34 1.10 -25.28
C TYR B 13 13.01 1.47 -25.91
N ILE B 14 12.74 2.77 -26.03
CA ILE B 14 11.45 3.14 -26.60
C ILE B 14 11.54 3.30 -28.12
N GLU B 15 12.77 3.45 -28.62
CA GLU B 15 13.02 3.54 -30.05
C GLU B 15 13.07 2.16 -30.73
N SER B 16 13.84 1.23 -30.16
CA SER B 16 13.88 -0.14 -30.69
C SER B 16 13.85 -1.19 -29.58
N PRO B 17 12.69 -1.33 -28.92
CA PRO B 17 12.50 -2.28 -27.83
C PRO B 17 12.80 -3.72 -28.28
N GLU B 18 12.65 -3.98 -29.58
CA GLU B 18 12.87 -5.33 -30.12
C GLU B 18 14.33 -5.74 -30.04
N SER B 19 15.20 -4.76 -29.88
CA SER B 19 16.64 -4.99 -29.94
C SER B 19 17.26 -5.38 -28.61
N TYR B 20 16.47 -5.41 -27.53
CA TYR B 20 17.01 -5.59 -26.18
C TYR B 20 16.38 -6.74 -25.41
N LYS B 21 17.24 -7.63 -24.94
CA LYS B 21 16.76 -8.82 -24.22
CA LYS B 21 16.75 -8.81 -24.22
C LYS B 21 16.01 -8.46 -22.94
N ASN B 22 16.43 -7.40 -22.26
CA ASN B 22 15.76 -7.08 -21.00
C ASN B 22 14.43 -6.33 -21.13
N VAL B 23 14.01 -6.07 -22.36
CA VAL B 23 12.63 -5.64 -22.59
C VAL B 23 11.73 -6.85 -22.51
N ILE B 24 10.84 -6.87 -21.54
CA ILE B 24 10.01 -8.04 -21.35
C ILE B 24 8.59 -7.88 -21.92
N TYR B 25 8.26 -6.66 -22.29
CA TYR B 25 7.04 -6.41 -23.03
C TYR B 25 7.13 -5.09 -23.75
N TYR B 26 6.59 -5.01 -24.97
CA TYR B 26 6.36 -3.71 -25.58
C TYR B 26 5.19 -3.77 -26.53
N ASP B 27 4.57 -2.63 -26.75
CA ASP B 27 3.57 -2.48 -27.80
C ASP B 27 3.77 -1.10 -28.41
N ASP B 28 2.75 -0.58 -29.11
CA ASP B 28 2.92 0.70 -29.77
C ASP B 28 3.06 1.84 -28.75
N ASP B 29 2.55 1.63 -27.54
CA ASP B 29 2.46 2.71 -26.56
C ASP B 29 3.46 2.68 -25.42
N VAL B 30 3.85 1.48 -24.98
CA VAL B 30 4.71 1.39 -23.80
C VAL B 30 5.81 0.35 -23.96
N VAL B 31 6.86 0.50 -23.14
CA VAL B 31 7.90 -0.53 -23.07
C VAL B 31 8.13 -0.87 -21.60
N LEU B 32 8.13 -2.16 -21.27
CA LEU B 32 8.44 -2.63 -19.92
C LEU B 32 9.82 -3.30 -19.97
N VAL B 33 10.77 -2.76 -19.22
CA VAL B 33 12.17 -3.17 -19.33
C VAL B 33 12.81 -3.32 -17.95
N ARG B 34 13.67 -4.32 -17.82
CA ARG B 34 14.38 -4.51 -16.56
C ARG B 34 15.39 -3.39 -16.45
N ASP B 35 15.45 -2.77 -15.28
CA ASP B 35 16.49 -1.79 -15.05
C ASP B 35 17.83 -2.52 -15.15
N MET B 36 18.81 -1.91 -15.80
CA MET B 36 20.10 -2.59 -15.92
C MET B 36 20.92 -2.55 -14.64
N PHE B 37 20.56 -1.65 -13.73
CA PHE B 37 21.18 -1.59 -12.40
C PHE B 37 20.09 -1.62 -11.36
N PRO B 38 19.44 -2.79 -11.19
CA PRO B 38 18.25 -2.89 -10.33
C PRO B 38 18.52 -2.49 -8.89
N LYS B 39 17.59 -1.76 -8.28
CA LYS B 39 17.79 -1.29 -6.92
C LYS B 39 16.99 -2.10 -5.91
N SER B 40 16.33 -3.15 -6.40
CA SER B 40 15.68 -4.16 -5.56
C SER B 40 15.81 -5.48 -6.30
N LYS B 41 15.48 -6.58 -5.64
CA LYS B 41 15.57 -7.91 -6.28
C LYS B 41 14.92 -7.91 -7.66
N MET B 42 13.73 -7.31 -7.75
CA MET B 42 13.08 -7.06 -9.03
C MET B 42 12.94 -5.56 -9.22
N HIS B 43 13.36 -5.06 -10.37
CA HIS B 43 13.24 -3.64 -10.64
C HIS B 43 12.96 -3.43 -12.12
N LEU B 44 11.74 -3.02 -12.44
CA LEU B 44 11.33 -2.81 -13.83
C LEU B 44 11.02 -1.34 -14.05
N LEU B 45 11.09 -0.91 -15.31
CA LEU B 45 10.70 0.44 -15.68
C LEU B 45 9.62 0.36 -16.75
N LEU B 46 8.49 1.04 -16.54
CA LEU B 46 7.48 1.13 -17.59
C LEU B 46 7.56 2.51 -18.28
N MET B 47 7.86 2.51 -19.58
CA MET B 47 8.14 3.76 -20.28
C MET B 47 7.11 4.04 -21.38
N THR B 48 6.58 5.26 -21.42
CA THR B 48 5.81 5.68 -22.58
C THR B 48 6.69 5.87 -23.81
N ARG B 49 6.18 5.47 -24.97
CA ARG B 49 6.90 5.67 -26.24
C ARG B 49 6.48 6.96 -26.94
N ASP B 50 5.51 7.66 -26.38
CA ASP B 50 4.97 8.88 -26.97
C ASP B 50 6.02 9.99 -26.94
N PRO B 51 6.45 10.46 -28.12
CA PRO B 51 7.54 11.45 -28.13
C PRO B 51 7.13 12.76 -27.46
N HIS B 52 5.83 13.02 -27.36
CA HIS B 52 5.34 14.25 -26.70
C HIS B 52 5.20 14.12 -25.20
N LEU B 53 5.32 12.92 -24.69
CA LEU B 53 5.16 12.72 -23.25
C LEU B 53 6.48 12.28 -22.60
N THR B 54 7.35 11.64 -23.36
CA THR B 54 8.54 11.02 -22.77
C THR B 54 9.43 12.05 -22.08
N HIS B 55 9.45 13.28 -22.57
CA HIS B 55 10.31 14.29 -21.95
C HIS B 55 9.58 15.23 -20.99
N VAL B 56 8.31 14.98 -20.77
CA VAL B 56 7.57 15.75 -19.79
C VAL B 56 7.98 15.27 -18.39
N HIS B 57 8.25 16.23 -17.49
CA HIS B 57 8.68 15.90 -16.13
C HIS B 57 7.59 15.10 -15.41
N PRO B 58 8.01 14.10 -14.60
CA PRO B 58 7.06 13.25 -13.87
C PRO B 58 6.05 14.04 -13.05
N LEU B 59 6.48 15.11 -12.39
CA LEU B 59 5.55 15.91 -11.60
C LEU B 59 4.51 16.60 -12.50
N GLU B 60 4.95 17.01 -13.68
CA GLU B 60 4.03 17.61 -14.66
C GLU B 60 3.08 16.56 -15.19
N ILE B 61 3.58 15.34 -15.39
CA ILE B 61 2.73 14.22 -15.80
C ILE B 61 1.65 13.97 -14.74
N MET B 62 2.05 13.94 -13.48
CA MET B 62 1.11 13.65 -12.40
C MET B 62 0.04 14.72 -12.27
N MET B 63 0.41 15.97 -12.56
CA MET B 63 -0.54 17.08 -12.45
C MET B 63 -1.45 17.22 -13.66
N LYS B 64 -0.86 17.17 -14.85
CA LYS B 64 -1.55 17.59 -16.06
C LYS B 64 -1.80 16.52 -17.12
N HIS B 65 -1.32 15.30 -16.87
CA HIS B 65 -1.50 14.24 -17.85
C HIS B 65 -2.12 12.99 -17.23
N ARG B 66 -3.28 13.19 -16.61
CA ARG B 66 -3.95 12.12 -15.90
C ARG B 66 -4.35 10.96 -16.80
N SER B 67 -4.52 11.22 -18.10
CA SER B 67 -4.86 10.16 -19.04
C SER B 67 -3.73 9.15 -19.09
N LEU B 68 -2.50 9.66 -19.12
CA LEU B 68 -1.34 8.77 -19.16
C LEU B 68 -1.21 8.02 -17.85
N VAL B 69 -1.42 8.72 -16.74
CA VAL B 69 -1.29 8.10 -15.42
C VAL B 69 -2.24 6.92 -15.33
N GLU B 70 -3.49 7.13 -15.73
CA GLU B 70 -4.47 6.06 -15.70
C GLU B 70 -4.13 4.91 -16.63
N LYS B 71 -3.65 5.23 -17.82
CA LYS B 71 -3.18 4.18 -18.74
C LYS B 71 -2.06 3.33 -18.10
N LEU B 72 -1.06 3.99 -17.54
CA LEU B 72 0.05 3.27 -16.91
C LEU B 72 -0.44 2.39 -15.77
N VAL B 73 -1.37 2.91 -14.97
CA VAL B 73 -1.92 2.15 -13.86
C VAL B 73 -2.64 0.93 -14.39
N SER B 74 -3.34 1.10 -15.50
CA SER B 74 -4.06 -0.02 -16.09
C SER B 74 -3.09 -1.12 -16.56
N TYR B 75 -1.96 -0.72 -17.14
CA TYR B 75 -0.95 -1.69 -17.56
C TYR B 75 -0.42 -2.46 -16.36
N VAL B 76 -0.08 -1.74 -15.30
CA VAL B 76 0.56 -2.34 -14.13
C VAL B 76 -0.37 -3.28 -13.37
N GLN B 77 -1.61 -2.86 -13.17
CA GLN B 77 -2.55 -3.64 -12.36
C GLN B 77 -3.34 -4.62 -13.22
N GLY B 78 -3.34 -4.39 -14.52
CA GLY B 78 -4.12 -5.19 -15.46
C GLY B 78 -3.28 -5.97 -16.45
N ASP B 79 -3.06 -5.38 -17.62
CA ASP B 79 -2.41 -6.05 -18.75
C ASP B 79 -1.16 -6.83 -18.38
N LEU B 80 -0.24 -6.17 -17.68
CA LEU B 80 1.08 -6.74 -17.44
C LEU B 80 1.23 -7.32 -16.03
N SER B 81 0.12 -7.52 -15.34
CA SER B 81 0.22 -7.97 -13.95
C SER B 81 0.84 -9.36 -13.87
N GLY B 82 0.40 -10.27 -14.72
CA GLY B 82 1.01 -11.59 -14.81
C GLY B 82 2.50 -11.55 -15.11
N LEU B 83 2.88 -10.76 -16.12
CA LEU B 83 4.30 -10.62 -16.48
C LEU B 83 5.13 -10.11 -15.32
N ILE B 84 4.61 -9.11 -14.63
CA ILE B 84 5.29 -8.51 -13.49
C ILE B 84 5.43 -9.52 -12.36
N PHE B 85 4.36 -10.24 -12.04
CA PHE B 85 4.43 -11.25 -10.98
C PHE B 85 5.36 -12.41 -11.36
N ASP B 86 5.38 -12.77 -12.63
CA ASP B 86 6.28 -13.83 -13.10
C ASP B 86 7.73 -13.39 -13.00
N GLU B 87 7.99 -12.12 -13.31
CA GLU B 87 9.34 -11.59 -13.15
C GLU B 87 9.75 -11.62 -11.67
N ALA B 88 8.84 -11.20 -10.79
CA ALA B 88 9.13 -11.22 -9.36
C ALA B 88 9.51 -12.62 -8.89
N ARG B 89 8.75 -13.64 -9.32
CA ARG B 89 9.06 -15.01 -8.94
C ARG B 89 10.44 -15.42 -9.42
N ASN B 90 10.80 -15.03 -10.64
CA ASN B 90 12.14 -15.35 -11.14
C ASN B 90 13.23 -14.62 -10.35
N CYS B 91 12.92 -13.42 -9.88
CA CYS B 91 13.88 -12.61 -9.14
C CYS B 91 13.97 -12.92 -7.65
N LEU B 92 12.88 -13.41 -7.07
CA LEU B 92 12.80 -13.65 -5.63
C LEU B 92 12.70 -15.15 -5.34
N SER B 93 11.55 -15.73 -5.63
CA SER B 93 11.33 -17.15 -5.43
C SER B 93 10.08 -17.62 -6.15
N GLN B 94 10.15 -18.78 -6.79
CA GLN B 94 9.00 -19.34 -7.49
C GLN B 94 7.88 -19.72 -6.55
N GLN B 95 8.18 -19.76 -5.26
CA GLN B 95 7.19 -20.18 -4.27
C GLN B 95 6.35 -19.04 -3.70
N LEU B 96 6.39 -17.89 -4.39
CA LEU B 96 5.62 -16.72 -3.98
C LEU B 96 4.43 -16.53 -4.91
N THR B 97 3.25 -16.50 -4.33
CA THR B 97 2.04 -16.28 -5.10
C THR B 97 1.81 -14.81 -5.42
N ASN B 98 0.93 -14.55 -6.37
CA ASN B 98 0.53 -13.17 -6.69
C ASN B 98 0.12 -12.40 -5.45
N GLU B 99 -0.69 -13.04 -4.62
CA GLU B 99 -1.23 -12.40 -3.41
C GLU B 99 -0.13 -11.97 -2.44
N ALA B 100 0.88 -12.82 -2.28
CA ALA B 100 2.02 -12.46 -1.44
C ALA B 100 2.75 -11.28 -2.05
N LEU B 101 2.90 -11.31 -3.36
CA LEU B 101 3.68 -10.32 -4.06
C LEU B 101 3.02 -8.94 -4.15
N CYS B 102 1.70 -8.91 -4.16
CA CYS B 102 0.99 -7.64 -4.33
C CYS B 102 1.35 -6.64 -3.24
N ASN B 103 1.53 -7.13 -2.01
CA ASN B 103 1.89 -6.22 -0.92
C ASN B 103 3.38 -5.92 -0.86
N TYR B 104 4.17 -6.51 -1.74
CA TYR B 104 5.61 -6.34 -1.70
C TYR B 104 6.18 -5.64 -2.94
N ILE B 105 5.32 -4.90 -3.64
CA ILE B 105 5.74 -4.14 -4.82
C ILE B 105 5.30 -2.69 -4.70
N LYS B 106 6.16 -1.77 -5.13
CA LYS B 106 5.78 -0.36 -5.15
C LYS B 106 5.97 0.23 -6.54
N VAL B 107 5.16 1.24 -6.85
CA VAL B 107 5.08 1.79 -8.20
C VAL B 107 5.07 3.31 -8.13
N GLY B 108 6.02 3.96 -8.80
CA GLY B 108 6.11 5.41 -8.72
C GLY B 108 7.21 6.02 -9.57
N PHE B 109 7.25 7.35 -9.59
CA PHE B 109 8.23 8.10 -10.36
C PHE B 109 9.21 8.72 -9.38
N HIS B 110 10.43 8.99 -9.83
CA HIS B 110 11.31 9.88 -9.06
C HIS B 110 10.88 11.33 -9.20
N ALA B 111 10.93 12.08 -8.15
CA ALA B 111 10.65 13.51 -8.21
C ALA B 111 11.73 14.28 -8.87
N GLY B 112 12.91 13.70 -8.93
CA GLY B 112 14.05 14.30 -9.62
C GLY B 112 14.81 13.26 -10.40
N PRO B 113 14.13 12.65 -11.37
CA PRO B 113 14.70 11.56 -12.17
C PRO B 113 16.15 11.76 -12.56
N SER B 114 16.87 10.66 -12.71
CA SER B 114 18.26 10.67 -13.16
C SER B 114 18.38 10.45 -14.65
N MET B 115 17.26 10.07 -15.27
CA MET B 115 17.17 9.83 -16.70
C MET B 115 16.01 10.63 -17.31
N ASN B 116 16.22 11.16 -18.52
CA ASN B 116 15.28 12.12 -19.10
C ASN B 116 14.00 11.54 -19.69
N ASN B 117 14.04 10.29 -20.14
CA ASN B 117 12.84 9.65 -20.68
C ASN B 117 11.95 9.13 -19.57
N LEU B 118 10.68 9.50 -19.61
CA LEU B 118 9.77 9.21 -18.51
C LEU B 118 9.76 7.73 -18.22
N HIS B 119 9.98 7.38 -16.96
CA HIS B 119 10.01 5.98 -16.58
C HIS B 119 9.36 5.74 -15.22
N LEU B 120 8.38 4.84 -15.20
CA LEU B 120 7.69 4.46 -13.98
C LEU B 120 8.38 3.26 -13.33
N HIS B 121 8.87 3.41 -12.11
CA HIS B 121 9.45 2.32 -11.39
C HIS B 121 8.41 1.31 -10.88
N ILE B 122 8.70 0.04 -11.07
CA ILE B 122 7.89 -1.04 -10.55
C ILE B 122 8.88 -2.00 -9.92
N MET B 123 8.86 -2.11 -8.60
CA MET B 123 9.96 -2.78 -7.92
C MET B 123 9.54 -3.40 -6.60
N THR B 124 10.23 -4.46 -6.20
CA THR B 124 9.95 -5.04 -4.89
C THR B 124 10.48 -4.11 -3.81
N LEU B 125 10.00 -4.29 -2.59
CA LEU B 125 10.28 -3.39 -1.49
C LEU B 125 11.63 -3.62 -0.85
N ASP B 126 12.23 -4.77 -1.14
CA ASP B 126 13.37 -5.27 -0.38
C ASP B 126 14.59 -4.36 -0.41
N HIS B 127 14.89 -3.80 -1.58
CA HIS B 127 16.10 -3.02 -1.80
C HIS B 127 17.36 -3.81 -1.46
N VAL B 128 17.29 -5.11 -1.73
CA VAL B 128 18.45 -5.98 -1.64
C VAL B 128 18.99 -6.21 -3.05
N SER B 129 20.09 -5.55 -3.38
CA SER B 129 20.71 -5.67 -4.69
C SER B 129 22.13 -5.10 -4.69
N PRO B 130 23.04 -5.77 -5.41
CA PRO B 130 24.41 -5.26 -5.57
C PRO B 130 24.43 -3.87 -6.18
N SER B 131 23.42 -3.53 -6.99
CA SER B 131 23.41 -2.24 -7.68
C SER B 131 22.86 -1.09 -6.83
N LEU B 132 22.31 -1.42 -5.67
CA LEU B 132 21.98 -0.40 -4.69
C LEU B 132 23.29 0.02 -4.06
N LYS B 133 23.90 1.08 -4.57
CA LYS B 133 25.29 1.39 -4.27
C LYS B 133 25.48 2.36 -3.10
N ASN B 134 24.53 3.26 -2.92
CA ASN B 134 24.72 4.30 -1.92
C ASN B 134 23.45 4.79 -1.25
N SER B 135 23.63 5.57 -0.19
CA SER B 135 22.50 6.08 0.59
C SER B 135 21.49 6.85 -0.26
N ALA B 136 21.99 7.63 -1.22
CA ALA B 136 21.13 8.40 -2.12
C ALA B 136 20.21 7.49 -2.94
N HIS B 137 20.75 6.41 -3.49
CA HIS B 137 19.90 5.45 -4.19
C HIS B 137 18.77 5.01 -3.28
N TYR B 138 19.16 4.53 -2.10
CA TYR B 138 18.19 3.99 -1.17
C TYR B 138 17.10 5.02 -0.79
N ILE B 139 17.52 6.24 -0.44
CA ILE B 139 16.58 7.28 -0.05
C ILE B 139 15.66 7.69 -1.22
N SER B 140 16.18 7.64 -2.44
CA SER B 140 15.38 8.01 -3.62
C SER B 140 14.13 7.14 -3.80
N PHE B 141 14.12 5.94 -3.23
CA PHE B 141 12.96 5.06 -3.33
C PHE B 141 12.11 4.93 -2.07
N THR B 142 12.55 5.50 -0.95
CA THR B 142 11.93 5.26 0.35
C THR B 142 11.55 6.53 1.08
N SER B 143 11.41 7.62 0.34
CA SER B 143 11.06 8.91 0.89
C SER B 143 10.07 9.56 -0.07
N PRO B 144 9.61 10.78 0.23
CA PRO B 144 8.69 11.47 -0.69
C PRO B 144 9.29 11.75 -2.07
N PHE B 145 10.61 11.60 -2.22
CA PHE B 145 11.25 11.71 -3.52
C PHE B 145 10.66 10.66 -4.46
N PHE B 146 10.18 9.56 -3.89
CA PHE B 146 9.55 8.51 -4.67
C PHE B 146 8.06 8.80 -4.67
N VAL B 147 7.57 9.28 -5.80
CA VAL B 147 6.18 9.71 -5.91
C VAL B 147 5.30 8.54 -6.32
N LYS B 148 4.59 7.97 -5.35
CA LYS B 148 3.76 6.81 -5.64
C LYS B 148 2.70 7.18 -6.67
N ILE B 149 2.41 6.23 -7.57
CA ILE B 149 1.52 6.51 -8.70
C ILE B 149 0.11 6.90 -8.27
N ASP B 150 -0.24 6.56 -7.03
CA ASP B 150 -1.56 6.90 -6.52
C ASP B 150 -1.59 8.19 -5.71
N THR B 151 -0.49 8.94 -5.71
CA THR B 151 -0.40 10.19 -4.95
C THR B 151 -1.39 11.26 -5.46
N PRO B 152 -2.24 11.79 -4.57
CA PRO B 152 -3.13 12.89 -4.96
C PRO B 152 -2.31 14.11 -5.37
N THR B 153 -2.75 14.85 -6.40
CA THR B 153 -1.99 16.00 -6.88
C THR B 153 -1.70 17.01 -5.77
N SER B 154 -2.61 17.15 -4.82
CA SER B 154 -2.42 18.11 -3.74
C SER B 154 -1.25 17.72 -2.84
N ASN B 155 -0.85 16.44 -2.90
CA ASN B 155 0.23 15.95 -2.07
C ASN B 155 1.58 15.75 -2.76
N LEU B 156 1.72 16.24 -3.98
CA LEU B 156 3.00 16.11 -4.69
C LEU B 156 4.07 16.92 -3.97
N PRO B 157 5.32 16.41 -3.99
CA PRO B 157 6.45 16.96 -3.23
C PRO B 157 6.76 18.40 -3.59
N THR B 158 7.09 19.21 -2.58
CA THR B 158 7.52 20.58 -2.83
C THR B 158 9.03 20.64 -3.06
N ARG B 159 9.49 21.69 -3.73
CA ARG B 159 10.91 21.89 -4.00
C ARG B 159 11.79 21.64 -2.77
N GLY B 160 11.35 22.16 -1.63
CA GLY B 160 12.10 22.08 -0.39
C GLY B 160 12.19 20.70 0.20
N THR B 161 11.09 19.96 0.16
CA THR B 161 11.08 18.57 0.59
C THR B 161 12.14 17.77 -0.16
N LEU B 162 12.20 17.97 -1.47
CA LEU B 162 13.10 17.22 -2.34
C LEU B 162 14.57 17.40 -1.97
N THR B 163 14.92 18.60 -1.53
CA THR B 163 16.33 18.95 -1.32
C THR B 163 17.01 18.21 -0.15
N SER B 164 16.49 18.42 1.06
CA SER B 164 17.15 17.92 2.27
C SER B 164 17.35 16.39 2.38
N LEU B 165 16.43 15.63 1.80
CA LEU B 165 16.31 14.19 2.09
C LEU B 165 17.60 13.37 2.07
N PHE B 166 18.46 13.63 1.10
CA PHE B 166 19.53 12.67 0.82
C PHE B 166 20.66 12.62 1.85
N GLN B 167 20.77 13.64 2.68
CA GLN B 167 21.86 13.66 3.65
C GLN B 167 21.42 13.29 5.07
N GLU B 168 20.13 12.95 5.22
CA GLU B 168 19.58 12.52 6.51
C GLU B 168 20.04 11.12 6.93
N ASP B 169 19.92 10.82 8.22
CA ASP B 169 20.28 9.51 8.73
C ASP B 169 19.44 8.40 8.12
N LEU B 170 20.06 7.25 7.86
CA LEU B 170 19.43 6.13 7.17
C LEU B 170 18.44 5.40 8.06
N LYS B 171 17.23 5.14 7.54
CA LYS B 171 16.18 4.44 8.26
C LYS B 171 15.70 3.21 7.50
N CYS B 172 15.62 2.06 8.16
CA CYS B 172 15.01 0.90 7.54
C CYS B 172 13.55 1.19 7.19
N TRP B 173 13.18 0.96 5.93
CA TRP B 173 11.82 1.24 5.46
C TRP B 173 10.76 0.38 6.17
N ARG B 174 11.19 -0.75 6.70
CA ARG B 174 10.27 -1.76 7.20
C ARG B 174 10.03 -1.62 8.70
N CYS B 175 11.11 -1.45 9.47
CA CYS B 175 10.99 -1.40 10.93
C CYS B 175 11.43 -0.07 11.55
N GLY B 176 11.99 0.81 10.75
CA GLY B 176 12.40 2.12 11.23
C GLY B 176 13.71 2.17 12.00
N GLU B 177 14.40 1.04 12.15
CA GLU B 177 15.71 1.07 12.80
C GLU B 177 16.61 2.02 12.04
N THR B 178 17.39 2.83 12.76
CA THR B 178 18.24 3.82 12.12
C THR B 178 19.69 3.36 12.10
N PHE B 179 20.47 3.90 11.16
CA PHE B 179 21.82 3.42 10.95
C PHE B 179 22.84 4.54 10.71
N GLY B 180 22.46 5.77 11.07
CA GLY B 180 23.31 6.91 10.81
C GLY B 180 23.64 7.00 9.33
N ARG B 181 24.92 7.19 9.01
CA ARG B 181 25.32 7.24 7.61
C ARG B 181 26.10 5.98 7.26
N HIS B 182 25.91 4.94 8.07
CA HIS B 182 26.56 3.65 7.89
C HIS B 182 25.81 2.83 6.86
N PHE B 183 26.07 3.09 5.58
CA PHE B 183 25.35 2.41 4.52
C PHE B 183 25.53 0.88 4.52
N THR B 184 26.76 0.40 4.75
CA THR B 184 27.00 -1.04 4.70
C THR B 184 26.20 -1.78 5.77
N LYS B 185 25.97 -1.12 6.90
CA LYS B 185 25.16 -1.72 7.95
C LYS B 185 23.67 -1.74 7.58
N LEU B 186 23.20 -0.69 6.92
CA LEU B 186 21.85 -0.69 6.39
C LEU B 186 21.68 -1.86 5.43
N LYS B 187 22.64 -2.03 4.52
CA LYS B 187 22.55 -3.09 3.54
C LYS B 187 22.45 -4.46 4.20
N ALA B 188 23.23 -4.64 5.28
CA ALA B 188 23.24 -5.92 5.97
C ALA B 188 21.86 -6.15 6.58
N HIS B 189 21.31 -5.09 7.16
CA HIS B 189 19.99 -5.14 7.77
C HIS B 189 18.87 -5.40 6.77
N LEU B 190 18.98 -4.79 5.59
CA LEU B 190 18.03 -5.02 4.50
C LEU B 190 17.99 -6.48 4.10
N GLN B 191 19.16 -7.11 4.03
CA GLN B 191 19.22 -8.52 3.68
C GLN B 191 18.48 -9.36 4.74
N GLU B 192 18.68 -9.03 6.00
CA GLU B 192 18.01 -9.75 7.08
C GLU B 192 16.48 -9.56 6.99
N GLU B 193 16.05 -8.33 6.74
CA GLU B 193 14.63 -8.04 6.59
C GLU B 193 14.03 -8.84 5.43
N TYR B 194 14.79 -8.98 4.35
CA TYR B 194 14.28 -9.71 3.20
C TYR B 194 14.14 -11.19 3.51
N ASP B 195 15.17 -11.77 4.12
CA ASP B 195 15.14 -13.19 4.47
C ASP B 195 13.97 -13.45 5.44
N ASP B 196 13.74 -12.53 6.35
CA ASP B 196 12.61 -12.63 7.27
C ASP B 196 11.29 -12.62 6.49
N TRP B 197 11.13 -11.63 5.62
CA TRP B 197 9.90 -11.54 4.85
C TRP B 197 9.71 -12.81 4.02
N LEU B 198 10.77 -13.29 3.39
CA LEU B 198 10.65 -14.43 2.49
C LEU B 198 10.24 -15.68 3.25
N ASP B 199 10.83 -15.87 4.43
CA ASP B 199 10.50 -16.99 5.30
C ASP B 199 9.02 -16.96 5.67
N LYS B 200 8.50 -15.77 5.90
CA LYS B 200 7.10 -15.62 6.28
C LYS B 200 6.14 -15.82 5.10
N SER B 201 6.64 -15.68 3.86
CA SER B 201 5.76 -15.56 2.70
C SER B 201 5.72 -16.73 1.70
N VAL B 202 6.68 -17.64 1.77
CA VAL B 202 6.83 -18.67 0.75
C VAL B 202 5.83 -19.83 0.85
N SER B 203 5.37 -20.28 -0.31
CA SER B 203 4.55 -21.50 -0.42
C SER B 203 5.39 -22.70 -0.02
N MET B 204 6.71 -22.56 -0.14
CA MET B 204 7.71 -23.51 0.37
C MET B 204 9.11 -23.30 -0.23
ZN ZN C . -11.74 12.50 -5.44
S SO4 D . -7.57 6.06 24.19
O1 SO4 D . -7.08 5.99 22.82
O2 SO4 D . -7.09 4.92 24.96
O3 SO4 D . -7.08 7.27 24.83
O4 SO4 D . -9.03 6.06 24.16
ZN ZN E . 14.33 -3.11 9.63
S SO4 F . 13.15 -21.07 -5.81
O1 SO4 F . 13.84 -21.04 -7.10
O2 SO4 F . 13.55 -22.23 -5.02
O3 SO4 F . 13.47 -19.85 -5.06
O4 SO4 F . 11.72 -21.14 -6.07
#